data_9JM8
#
_entry.id   9JM8
#
_cell.length_a   54.019
_cell.length_b   38.020
_cell.length_c   58.390
_cell.angle_alpha   90.00
_cell.angle_beta   104.15
_cell.angle_gamma   90.00
#
_symmetry.space_group_name_H-M   'C 1 2 1'
#
loop_
_entity.id
_entity.type
_entity.pdbx_description
1 polymer LRD-7A
2 polymer LRD-7V
3 water water
#
loop_
_entity_poly.entity_id
_entity_poly.type
_entity_poly.pdbx_seq_one_letter_code
_entity_poly.pdbx_strand_id
1 'polypeptide(L)' MGGEVEKIVREAARAAREGDKEKLKELLAEAVAKGYVEATK(OZW)IAELALKAGAITKEEKAKYIAKAENGSHHHHHH A
2 'polypeptide(L)' MGAVERLAEKAYELLKLVKEAAPLEEVKELADEIIAEAEAALAEKPSVELKVILELAKELLEEAEK B
#
# COMPACT_ATOMS: atom_id res chain seq x y z
N GLY A 3 15.30 5.52 2.26
CA GLY A 3 15.04 6.80 1.56
C GLY A 3 14.17 6.69 0.31
N GLU A 4 14.69 6.10 -0.76
CA GLU A 4 13.89 6.08 -1.97
C GLU A 4 12.75 5.08 -1.86
N VAL A 5 12.92 3.97 -1.13
CA VAL A 5 11.80 3.03 -0.95
C VAL A 5 10.63 3.75 -0.31
N GLU A 6 10.90 4.50 0.75
CA GLU A 6 9.86 5.23 1.46
C GLU A 6 9.17 6.21 0.54
N LYS A 7 9.94 6.92 -0.26
CA LYS A 7 9.35 7.87 -1.19
C LYS A 7 8.42 7.17 -2.18
N ILE A 8 8.84 6.03 -2.73
CA ILE A 8 8.02 5.33 -3.71
C ILE A 8 6.72 4.86 -3.07
N VAL A 9 6.79 4.27 -1.88
CA VAL A 9 5.60 3.77 -1.20
C VAL A 9 4.63 4.91 -0.88
N ARG A 10 5.15 6.03 -0.37
CA ARG A 10 4.24 7.14 -0.03
C ARG A 10 3.62 7.74 -1.27
N GLU A 11 4.38 7.84 -2.36
N GLU A 11 4.38 7.84 -2.36
CA GLU A 11 3.79 8.36 -3.59
CA GLU A 11 3.81 8.34 -3.60
C GLU A 11 2.73 7.41 -4.14
C GLU A 11 2.74 7.41 -4.14
N ALA A 12 2.92 6.11 -3.98
CA ALA A 12 1.91 5.16 -4.43
C ALA A 12 0.64 5.28 -3.59
N ALA A 13 0.78 5.45 -2.28
CA ALA A 13 -0.40 5.69 -1.46
C ALA A 13 -1.16 6.94 -1.93
N ARG A 14 -0.43 8.01 -2.26
CA ARG A 14 -1.09 9.23 -2.73
C ARG A 14 -1.78 8.96 -4.05
N ALA A 15 -1.10 8.25 -4.97
CA ALA A 15 -1.73 7.94 -6.25
C ALA A 15 -2.98 7.08 -6.07
N ALA A 16 -2.94 6.14 -5.12
CA ALA A 16 -4.10 5.32 -4.86
C ALA A 16 -5.24 6.17 -4.32
N ARG A 17 -4.94 7.12 -3.43
CA ARG A 17 -5.99 7.96 -2.89
C ARG A 17 -6.58 8.86 -3.96
N GLU A 18 -5.76 9.32 -4.90
CA GLU A 18 -6.26 10.15 -5.99
C GLU A 18 -6.91 9.36 -7.10
N GLY A 19 -6.70 8.06 -7.18
CA GLY A 19 -7.24 7.25 -8.26
C GLY A 19 -6.46 7.35 -9.55
N ASP A 20 -5.18 7.70 -9.48
CA ASP A 20 -4.36 7.94 -10.67
C ASP A 20 -3.70 6.62 -11.04
N LYS A 21 -4.34 5.88 -11.94
CA LYS A 21 -3.87 4.57 -12.34
C LYS A 21 -2.55 4.63 -13.09
N GLU A 22 -2.32 5.67 -13.91
CA GLU A 22 -1.06 5.73 -14.62
C GLU A 22 0.11 5.94 -13.67
N LYS A 23 -0.03 6.84 -12.68
CA LYS A 23 1.05 7.06 -11.73
C LYS A 23 1.29 5.80 -10.91
N LEU A 24 0.23 5.08 -10.55
CA LEU A 24 0.40 3.81 -9.84
C LEU A 24 1.24 2.85 -10.65
N LYS A 25 0.94 2.71 -11.94
CA LYS A 25 1.72 1.81 -12.77
C LYS A 25 3.15 2.29 -12.97
N GLU A 26 3.37 3.61 -13.06
CA GLU A 26 4.72 4.13 -13.21
C GLU A 26 5.55 3.86 -11.95
N LEU A 27 4.95 4.07 -10.77
CA LEU A 27 5.63 3.77 -9.52
C LEU A 27 5.87 2.28 -9.36
N LEU A 28 4.90 1.47 -9.74
CA LEU A 28 5.08 0.01 -9.76
C LEU A 28 6.28 -0.36 -10.62
N ALA A 29 6.38 0.24 -11.81
CA ALA A 29 7.50 -0.08 -12.70
C ALA A 29 8.83 0.29 -12.09
N GLU A 30 8.87 1.40 -11.35
CA GLU A 30 10.08 1.81 -10.66
C GLU A 30 10.49 0.81 -9.58
N ALA A 31 9.55 0.44 -8.72
CA ALA A 31 9.84 -0.54 -7.68
C ALA A 31 10.32 -1.86 -8.26
N VAL A 32 9.73 -2.28 -9.38
CA VAL A 32 10.10 -3.53 -10.03
C VAL A 32 11.53 -3.47 -10.56
N ALA A 33 11.85 -2.39 -11.28
CA ALA A 33 13.17 -2.27 -11.89
C ALA A 33 14.24 -2.18 -10.83
N LYS A 34 13.93 -1.58 -9.69
CA LYS A 34 14.91 -1.41 -8.63
C LYS A 34 14.98 -2.63 -7.70
N GLY A 35 14.20 -3.67 -7.97
CA GLY A 35 14.28 -4.86 -7.16
C GLY A 35 13.72 -4.73 -5.77
N TYR A 36 12.76 -3.83 -5.57
CA TYR A 36 12.13 -3.66 -4.26
C TYR A 36 10.93 -4.58 -4.19
N VAL A 37 11.11 -5.76 -3.58
CA VAL A 37 10.06 -6.77 -3.63
C VAL A 37 8.86 -6.34 -2.81
N GLU A 38 9.09 -5.93 -1.56
N GLU A 38 9.08 -5.90 -1.59
CA GLU A 38 7.99 -5.52 -0.71
CA GLU A 38 7.94 -5.54 -0.77
C GLU A 38 7.22 -4.36 -1.32
C GLU A 38 7.20 -4.34 -1.33
N ALA A 39 7.93 -3.35 -1.82
CA ALA A 39 7.25 -2.21 -2.42
C ALA A 39 6.47 -2.65 -3.65
N THR A 40 7.04 -3.54 -4.46
CA THR A 40 6.34 -4.05 -5.64
C THR A 40 5.03 -4.73 -5.25
N LYS A 41 5.07 -5.58 -4.24
CA LYS A 41 3.89 -6.32 -3.86
C LYS A 41 2.82 -5.40 -3.35
N ILE A 43 2.47 -2.08 -3.94
CA ILE A 43 2.00 -1.18 -4.99
C ILE A 43 1.17 -1.98 -6.00
N ALA A 44 1.62 -3.19 -6.34
CA ALA A 44 0.84 -4.02 -7.26
C ALA A 44 -0.54 -4.31 -6.71
N GLU A 45 -0.67 -4.53 -5.40
CA GLU A 45 -2.00 -4.78 -4.86
C GLU A 45 -2.87 -3.53 -4.92
N LEU A 46 -2.31 -2.35 -4.60
CA LEU A 46 -3.09 -1.13 -4.78
C LEU A 46 -3.51 -0.98 -6.24
N ALA A 47 -2.59 -1.26 -7.17
CA ALA A 47 -2.92 -1.13 -8.59
C ALA A 47 -4.00 -2.13 -9.01
N LEU A 48 -3.97 -3.33 -8.45
CA LEU A 48 -4.99 -4.32 -8.74
C LEU A 48 -6.34 -3.85 -8.21
N LYS A 49 -6.39 -3.40 -6.95
CA LYS A 49 -7.65 -2.92 -6.40
C LYS A 49 -8.18 -1.71 -7.16
N ALA A 50 -7.31 -0.87 -7.68
CA ALA A 50 -7.70 0.28 -8.50
C ALA A 50 -8.12 -0.12 -9.91
N GLY A 51 -8.00 -1.39 -10.25
CA GLY A 51 -8.32 -1.80 -11.61
C GLY A 51 -7.30 -1.42 -12.65
N ALA A 52 -6.08 -1.09 -12.25
CA ALA A 52 -5.05 -0.64 -13.18
C ALA A 52 -4.26 -1.79 -13.79
N ILE A 53 -4.19 -2.94 -13.10
CA ILE A 53 -3.50 -4.12 -13.58
C ILE A 53 -4.38 -5.33 -13.27
N THR A 54 -4.01 -6.45 -13.88
CA THR A 54 -4.68 -7.72 -13.63
C THR A 54 -3.86 -8.57 -12.65
N LYS A 55 -4.48 -9.66 -12.20
CA LYS A 55 -3.79 -10.59 -11.32
C LYS A 55 -2.60 -11.24 -12.02
N GLU A 56 -2.74 -11.56 -13.31
CA GLU A 56 -1.61 -12.13 -14.04
C GLU A 56 -0.48 -11.11 -14.19
N GLU A 57 -0.81 -9.86 -14.47
CA GLU A 57 0.21 -8.83 -14.53
C GLU A 57 0.89 -8.66 -13.18
N LYS A 58 0.11 -8.65 -12.11
CA LYS A 58 0.68 -8.57 -10.76
C LYS A 58 1.70 -9.67 -10.54
N ALA A 59 1.35 -10.92 -10.91
CA ALA A 59 2.29 -12.01 -10.70
C ALA A 59 3.57 -11.79 -11.48
N LYS A 60 3.46 -11.28 -12.70
N LYS A 60 3.46 -11.31 -12.73
CA LYS A 60 4.64 -11.04 -13.54
CA LYS A 60 4.64 -11.04 -13.54
C LYS A 60 5.51 -9.93 -12.97
C LYS A 60 5.51 -9.95 -12.91
N TYR A 61 4.89 -8.86 -12.45
CA TYR A 61 5.65 -7.78 -11.85
C TYR A 61 6.40 -8.27 -10.61
N ILE A 62 5.72 -9.06 -9.77
CA ILE A 62 6.35 -9.56 -8.56
C ILE A 62 7.54 -10.43 -8.93
N ALA A 63 7.37 -11.29 -9.93
CA ALA A 63 8.48 -12.15 -10.36
C ALA A 63 9.66 -11.31 -10.84
N LYS A 64 9.40 -10.28 -11.61
CA LYS A 64 10.48 -9.45 -12.13
C LYS A 64 11.19 -8.72 -11.00
N ALA A 65 10.45 -8.26 -10.00
CA ALA A 65 11.09 -7.58 -8.89
C ALA A 65 11.99 -8.54 -8.12
N GLU A 66 11.53 -9.77 -7.90
CA GLU A 66 12.37 -10.74 -7.20
C GLU A 66 13.63 -11.03 -7.97
N ASN A 67 13.53 -11.11 -9.29
CA ASN A 67 14.67 -11.30 -10.19
C ASN A 67 15.64 -10.17 -9.99
N MET B 1 -1.52 -14.73 -0.78
CA MET B 1 -1.04 -13.38 -0.56
C MET B 1 -0.13 -13.33 0.65
N GLY B 2 0.93 -12.51 0.58
CA GLY B 2 1.77 -12.25 1.71
C GLY B 2 1.30 -11.03 2.50
N ALA B 3 2.17 -10.57 3.38
CA ALA B 3 1.77 -9.60 4.40
C ALA B 3 1.46 -8.23 3.81
N VAL B 4 2.32 -7.71 2.93
CA VAL B 4 2.11 -6.36 2.44
C VAL B 4 0.89 -6.28 1.54
N GLU B 5 0.59 -7.34 0.79
CA GLU B 5 -0.61 -7.36 -0.05
C GLU B 5 -1.86 -7.31 0.82
N ARG B 6 -1.89 -8.08 1.91
CA ARG B 6 -3.04 -8.03 2.80
C ARG B 6 -3.23 -6.62 3.35
N LEU B 7 -2.14 -5.95 3.71
CA LEU B 7 -2.23 -4.59 4.19
C LEU B 7 -2.70 -3.63 3.12
N ALA B 8 -2.21 -3.79 1.90
CA ALA B 8 -2.62 -2.90 0.81
C ALA B 8 -4.10 -3.04 0.52
N GLU B 9 -4.61 -4.27 0.59
CA GLU B 9 -6.02 -4.49 0.34
C GLU B 9 -6.87 -3.76 1.36
N LYS B 10 -6.49 -3.84 2.62
CA LYS B 10 -7.19 -3.13 3.68
C LYS B 10 -7.00 -1.61 3.54
N ALA B 11 -5.82 -1.17 3.14
CA ALA B 11 -5.56 0.25 2.96
C ALA B 11 -6.47 0.83 1.87
N TYR B 12 -6.70 0.07 0.80
CA TYR B 12 -7.62 0.53 -0.25
C TYR B 12 -9.01 0.73 0.32
N GLU B 13 -9.46 -0.20 1.15
CA GLU B 13 -10.77 -0.05 1.79
C GLU B 13 -10.79 1.16 2.73
N LEU B 14 -9.68 1.41 3.43
CA LEU B 14 -9.58 2.55 4.32
C LEU B 14 -9.68 3.86 3.53
N LEU B 15 -9.00 3.93 2.39
CA LEU B 15 -9.09 5.12 1.54
C LEU B 15 -10.52 5.33 1.05
N LYS B 16 -11.24 4.25 0.74
CA LYS B 16 -12.63 4.38 0.38
C LYS B 16 -13.45 4.97 1.51
N LEU B 17 -13.26 4.48 2.73
CA LEU B 17 -13.98 5.05 3.86
C LEU B 17 -13.72 6.54 4.01
N VAL B 18 -12.46 6.96 3.86
CA VAL B 18 -12.13 8.38 4.02
C VAL B 18 -12.79 9.19 2.91
N LYS B 19 -12.66 8.74 1.66
CA LYS B 19 -13.21 9.49 0.54
C LYS B 19 -14.72 9.60 0.60
N GLU B 20 -15.41 8.60 1.12
CA GLU B 20 -16.87 8.59 1.23
C GLU B 20 -17.36 9.17 2.54
N ALA B 21 -16.46 9.74 3.34
CA ALA B 21 -16.86 10.41 4.57
C ALA B 21 -17.58 9.46 5.52
N ALA B 22 -17.11 8.21 5.59
CA ALA B 22 -17.65 7.28 6.54
C ALA B 22 -17.42 7.81 7.96
N PRO B 23 -18.22 7.33 8.92
CA PRO B 23 -18.03 7.75 10.30
C PRO B 23 -16.61 7.52 10.80
N LEU B 24 -16.15 8.43 11.64
CA LEU B 24 -14.79 8.35 12.16
C LEU B 24 -14.55 7.04 12.89
N GLU B 25 -15.56 6.52 13.59
CA GLU B 25 -15.34 5.28 14.32
C GLU B 25 -15.04 4.14 13.35
N GLU B 26 -15.58 4.19 12.14
CA GLU B 26 -15.31 3.14 11.16
C GLU B 26 -13.92 3.28 10.57
N VAL B 27 -13.54 4.50 10.25
CA VAL B 27 -12.17 4.80 9.85
C VAL B 27 -11.18 4.31 10.89
N LYS B 28 -11.43 4.64 12.16
CA LYS B 28 -10.48 4.26 13.20
C LYS B 28 -10.42 2.74 13.37
N GLU B 29 -11.57 2.07 13.33
CA GLU B 29 -11.56 0.62 13.46
C GLU B 29 -10.63 -0.01 12.44
N LEU B 30 -10.76 0.38 11.17
CA LEU B 30 -9.97 -0.25 10.13
C LEU B 30 -8.52 0.23 10.18
N ALA B 31 -8.29 1.52 10.46
CA ALA B 31 -6.93 2.00 10.56
C ALA B 31 -6.19 1.28 11.68
N ASP B 32 -6.85 1.11 12.83
CA ASP B 32 -6.21 0.43 13.96
C ASP B 32 -5.94 -1.04 13.64
N GLU B 33 -6.84 -1.69 12.91
CA GLU B 33 -6.57 -3.05 12.47
C GLU B 33 -5.30 -3.09 11.61
N ILE B 34 -5.18 -2.17 10.65
CA ILE B 34 -3.99 -2.09 9.80
C ILE B 34 -2.74 -1.84 10.62
N ILE B 35 -2.82 -0.91 11.58
CA ILE B 35 -1.66 -0.56 12.39
C ILE B 35 -1.19 -1.78 13.16
N ALA B 36 -2.12 -2.47 13.83
CA ALA B 36 -1.72 -3.65 14.60
C ALA B 36 -1.14 -4.73 13.70
N GLU B 37 -1.76 -4.95 12.55
CA GLU B 37 -1.28 -5.97 11.63
C GLU B 37 0.11 -5.63 11.09
N ALA B 38 0.33 -4.35 10.74
CA ALA B 38 1.65 -3.94 10.24
C ALA B 38 2.72 -4.07 11.32
N GLU B 39 2.38 -3.75 12.57
CA GLU B 39 3.34 -3.88 13.65
C GLU B 39 3.76 -5.34 13.81
N ALA B 40 2.79 -6.24 13.79
CA ALA B 40 3.10 -7.66 13.90
C ALA B 40 3.94 -8.13 12.72
N ALA B 41 3.58 -7.72 11.51
CA ALA B 41 4.33 -8.11 10.31
C ALA B 41 5.75 -7.57 10.35
N LEU B 42 5.95 -6.36 10.87
CA LEU B 42 7.27 -5.77 10.92
C LEU B 42 8.20 -6.58 11.80
N ALA B 43 7.68 -7.08 12.93
CA ALA B 43 8.48 -7.90 13.82
C ALA B 43 8.89 -9.21 13.16
N GLU B 44 8.07 -9.72 12.25
CA GLU B 44 8.36 -11.01 11.65
C GLU B 44 9.32 -10.88 10.46
N LYS B 45 9.12 -9.86 9.65
CA LYS B 45 9.90 -9.65 8.43
C LYS B 45 10.15 -8.15 8.35
N PRO B 46 11.14 -7.64 9.07
CA PRO B 46 11.35 -6.18 9.06
C PRO B 46 11.70 -5.65 7.68
N SER B 47 11.06 -4.54 7.33
CA SER B 47 11.36 -3.85 6.10
C SER B 47 10.99 -2.41 6.30
N VAL B 48 11.68 -1.54 5.58
CA VAL B 48 11.28 -0.14 5.51
C VAL B 48 9.84 -0.04 5.04
N GLU B 49 9.45 -0.85 4.05
CA GLU B 49 8.08 -0.74 3.52
C GLU B 49 7.04 -0.92 4.61
N LEU B 50 7.19 -1.92 5.49
CA LEU B 50 6.20 -2.13 6.54
C LEU B 50 6.17 -0.95 7.52
N LYS B 51 7.33 -0.39 7.86
CA LYS B 51 7.35 0.80 8.69
C LYS B 51 6.58 1.94 8.03
N VAL B 52 6.78 2.12 6.73
CA VAL B 52 6.08 3.21 6.03
C VAL B 52 4.58 2.95 5.94
N ILE B 53 4.18 1.69 5.73
CA ILE B 53 2.76 1.37 5.70
C ILE B 53 2.11 1.68 7.04
N LEU B 54 2.79 1.28 8.13
CA LEU B 54 2.34 1.61 9.47
C LEU B 54 2.18 3.11 9.65
N GLU B 55 3.20 3.86 9.26
CA GLU B 55 3.14 5.32 9.40
C GLU B 55 2.04 5.91 8.55
N LEU B 56 1.85 5.41 7.33
CA LEU B 56 0.77 5.91 6.48
C LEU B 56 -0.57 5.73 7.15
N ALA B 57 -0.79 4.58 7.78
CA ALA B 57 -2.07 4.33 8.44
C ALA B 57 -2.23 5.24 9.66
N LYS B 58 -1.15 5.43 10.42
CA LYS B 58 -1.24 6.30 11.59
C LYS B 58 -1.51 7.74 11.15
N GLU B 59 -0.86 8.18 10.08
CA GLU B 59 -1.03 9.53 9.60
C GLU B 59 -2.43 9.75 9.07
N LEU B 60 -2.96 8.78 8.33
CA LEU B 60 -4.31 8.92 7.82
C LEU B 60 -5.30 9.03 8.94
N LEU B 61 -5.16 8.19 9.97
CA LEU B 61 -6.07 8.27 11.12
C LEU B 61 -5.94 9.61 11.83
N GLU B 62 -4.71 10.08 12.06
CA GLU B 62 -4.51 11.37 12.72
C GLU B 62 -5.21 12.48 11.94
N GLU B 63 -5.06 12.49 10.62
CA GLU B 63 -5.70 13.51 9.82
C GLU B 63 -7.22 13.38 9.87
N ALA B 64 -7.73 12.15 9.90
CA ALA B 64 -9.17 11.94 9.89
C ALA B 64 -9.80 12.44 11.17
N GLU B 65 -9.08 12.38 12.29
CA GLU B 65 -9.62 12.81 13.57
C GLU B 65 -9.68 14.33 13.68
N LYS B 66 -8.83 15.06 12.97
CA LYS B 66 -8.78 16.53 13.06
C LYS B 66 -10.11 17.15 12.67
#